data_2EYZ
#
_entry.id   2EYZ
#
_entity_poly.entity_id   1
_entity_poly.type   'polypeptide(L)'
_entity_poly.pdbx_seq_one_letter_code
;MAGNFDSEERSSWYWGRLSRQEAVALLQGQRHGVFLVRDSSTSPGDYVLSVSENSRVSHYIINSSGPRPPVPPSPAQPPP
GVSPSRLRIGDQEFDSLPALLEFYKIHYLDTTTLIEPVSRSRQGSGVILRQEEAEYVRALFDFNGNDEEDLPFKKGDILR
IRDKPEEQWWNAEDSEGKRGMIPVPYVEKYRPASASVSALIGGNQEGSHPQPLGGPEPGPYAQPSVNTPLPNLQNGPIYA
RVIQKRVPNAYDKTALALEVGELVKVTKINVSGQWEGECNGKRGHFPFTHVRLLDQQNPEEDFS
;
_entity_poly.pdbx_strand_id   A
#
# COMPACT_ATOMS: atom_id res chain seq x y z
N MET A 1 -4.69 -17.36 -17.40
CA MET A 1 -4.18 -18.22 -18.51
C MET A 1 -5.26 -19.18 -19.00
N ALA A 2 -5.78 -20.00 -18.09
CA ALA A 2 -6.81 -20.97 -18.44
C ALA A 2 -8.17 -20.27 -18.58
N GLY A 3 -9.22 -21.08 -18.64
CA GLY A 3 -10.57 -20.53 -18.77
C GLY A 3 -11.11 -20.00 -17.46
N ASN A 4 -10.45 -18.97 -16.92
CA ASN A 4 -10.89 -18.38 -15.66
C ASN A 4 -10.22 -17.02 -15.45
N PHE A 5 -8.90 -16.98 -15.63
CA PHE A 5 -8.12 -15.75 -15.46
C PHE A 5 -8.45 -15.05 -14.13
N ASP A 6 -7.71 -13.99 -13.84
CA ASP A 6 -7.92 -13.24 -12.61
C ASP A 6 -7.39 -11.81 -12.75
N SER A 7 -7.30 -11.10 -11.64
CA SER A 7 -6.80 -9.73 -11.63
C SER A 7 -6.05 -9.43 -10.34
N GLU A 8 -6.80 -9.38 -9.25
CA GLU A 8 -6.23 -9.08 -7.95
C GLU A 8 -6.69 -10.08 -6.90
N GLU A 9 -7.83 -9.78 -6.25
CA GLU A 9 -8.39 -10.66 -5.20
C GLU A 9 -7.35 -11.08 -4.18
N ARG A 10 -6.41 -11.92 -4.60
CA ARG A 10 -5.35 -12.40 -3.71
C ARG A 10 -4.11 -11.52 -3.80
N SER A 11 -4.32 -10.20 -3.66
CA SER A 11 -3.21 -9.25 -3.74
C SER A 11 -2.93 -8.67 -2.36
N SER A 12 -3.82 -7.81 -1.89
CA SER A 12 -3.67 -7.17 -0.59
C SER A 12 -5.02 -6.67 -0.08
N TRP A 13 -5.01 -5.54 0.64
CA TRP A 13 -6.24 -4.98 1.17
C TRP A 13 -7.08 -4.36 0.05
N TYR A 14 -8.39 -4.57 0.13
CA TYR A 14 -9.33 -4.04 -0.85
C TYR A 14 -10.74 -4.51 -0.53
N TRP A 15 -10.84 -5.72 0.00
CA TRP A 15 -12.12 -6.28 0.38
C TRP A 15 -13.07 -6.39 -0.80
N GLY A 16 -14.12 -7.19 -0.61
CA GLY A 16 -15.12 -7.37 -1.66
C GLY A 16 -16.37 -6.56 -1.39
N ARG A 17 -17.24 -6.48 -2.39
CA ARG A 17 -18.49 -5.73 -2.25
C ARG A 17 -19.29 -6.20 -1.04
N LEU A 18 -19.00 -5.62 0.12
CA LEU A 18 -19.70 -5.97 1.35
C LEU A 18 -21.15 -5.48 1.27
N SER A 19 -22.08 -6.43 1.20
CA SER A 19 -23.51 -6.11 1.11
C SER A 19 -23.88 -4.92 2.00
N ARG A 20 -23.79 -5.10 3.31
CA ARG A 20 -24.11 -4.04 4.26
C ARG A 20 -23.70 -4.41 5.67
N GLN A 21 -23.93 -5.64 6.07
CA GLN A 21 -23.55 -6.08 7.40
C GLN A 21 -22.06 -6.43 7.43
N GLU A 22 -21.61 -7.06 6.36
CA GLU A 22 -20.21 -7.48 6.22
C GLU A 22 -19.23 -6.39 6.66
N ALA A 23 -19.29 -5.26 5.97
CA ALA A 23 -18.39 -4.14 6.25
C ALA A 23 -18.57 -3.54 7.63
N VAL A 24 -19.71 -3.79 8.25
CA VAL A 24 -19.95 -3.27 9.59
C VAL A 24 -19.73 -4.34 10.66
N ALA A 25 -20.30 -5.51 10.42
CA ALA A 25 -20.19 -6.64 11.34
C ALA A 25 -18.76 -7.14 11.46
N LEU A 26 -18.10 -7.27 10.32
CA LEU A 26 -16.72 -7.76 10.28
C LEU A 26 -15.74 -6.78 10.92
N LEU A 27 -16.09 -5.50 10.93
CA LEU A 27 -15.22 -4.49 11.51
C LEU A 27 -15.65 -4.07 12.92
N GLN A 28 -16.77 -4.61 13.39
CA GLN A 28 -17.29 -4.26 14.72
C GLN A 28 -16.26 -4.60 15.81
N GLY A 29 -16.65 -5.46 16.77
CA GLY A 29 -15.76 -5.82 17.87
C GLY A 29 -14.46 -6.46 17.42
N GLN A 30 -13.69 -5.75 16.60
CA GLN A 30 -12.42 -6.24 16.11
C GLN A 30 -11.28 -5.72 16.99
N ARG A 31 -10.04 -5.86 16.51
CA ARG A 31 -8.87 -5.39 17.25
C ARG A 31 -9.04 -3.95 17.70
N HIS A 32 -8.12 -3.49 18.54
CA HIS A 32 -8.16 -2.12 19.04
C HIS A 32 -8.00 -1.12 17.90
N GLY A 33 -7.48 -1.59 16.78
CA GLY A 33 -7.28 -0.77 15.60
C GLY A 33 -7.52 -1.55 14.32
N VAL A 34 -8.51 -1.16 13.53
CA VAL A 34 -8.81 -1.86 12.29
C VAL A 34 -9.60 -1.00 11.32
N PHE A 35 -9.34 -1.19 10.02
CA PHE A 35 -10.04 -0.46 8.98
C PHE A 35 -10.31 -1.39 7.81
N LEU A 36 -11.27 -1.03 6.97
CA LEU A 36 -11.58 -1.84 5.81
C LEU A 36 -12.12 -0.97 4.68
N VAL A 37 -11.91 -1.40 3.45
CA VAL A 37 -12.34 -0.65 2.29
C VAL A 37 -13.29 -1.47 1.42
N ARG A 38 -14.57 -1.16 1.50
CA ARG A 38 -15.59 -1.87 0.72
C ARG A 38 -15.99 -1.08 -0.52
N ASP A 39 -16.70 -1.72 -1.44
CA ASP A 39 -17.12 -1.06 -2.66
C ASP A 39 -18.63 -0.78 -2.65
N SER A 40 -19.01 0.41 -2.23
CA SER A 40 -20.42 0.80 -2.18
C SER A 40 -20.57 2.31 -1.97
N SER A 41 -20.04 3.09 -2.93
CA SER A 41 -20.12 4.55 -2.84
C SER A 41 -20.38 5.18 -4.21
N THR A 42 -20.65 6.49 -4.21
CA THR A 42 -20.92 7.24 -5.43
C THR A 42 -19.68 7.30 -6.32
N SER A 43 -19.79 8.03 -7.43
CA SER A 43 -18.69 8.18 -8.38
C SER A 43 -18.58 6.92 -9.26
N PRO A 44 -17.56 6.83 -10.14
CA PRO A 44 -17.40 5.65 -11.00
C PRO A 44 -16.87 4.47 -10.21
N GLY A 45 -16.06 4.78 -9.19
CA GLY A 45 -15.51 3.75 -8.34
C GLY A 45 -16.00 3.89 -6.91
N ASP A 46 -16.02 2.79 -6.17
CA ASP A 46 -16.49 2.83 -4.80
C ASP A 46 -15.34 3.18 -3.84
N TYR A 47 -15.63 4.03 -2.87
CA TYR A 47 -14.62 4.44 -1.89
C TYR A 47 -15.23 4.66 -0.51
N VAL A 48 -14.90 3.78 0.42
CA VAL A 48 -15.40 3.89 1.79
C VAL A 48 -14.31 3.38 2.75
N LEU A 49 -14.44 3.71 4.04
CA LEU A 49 -13.47 3.25 5.02
C LEU A 49 -14.08 3.11 6.41
N SER A 50 -14.32 1.89 6.83
CA SER A 50 -14.90 1.64 8.15
C SER A 50 -13.79 1.32 9.15
N VAL A 51 -13.88 1.93 10.34
CA VAL A 51 -12.88 1.72 11.38
C VAL A 51 -13.52 1.36 12.71
N SER A 52 -12.97 0.36 13.39
CA SER A 52 -13.48 -0.07 14.68
C SER A 52 -12.81 0.68 15.82
N GLU A 53 -13.38 0.59 17.02
CA GLU A 53 -12.82 1.28 18.17
C GLU A 53 -13.48 0.83 19.47
N ASN A 54 -14.80 1.02 19.56
CA ASN A 54 -15.53 0.63 20.75
C ASN A 54 -17.03 0.49 20.46
N SER A 55 -17.65 1.57 19.97
CA SER A 55 -19.06 1.54 19.67
C SER A 55 -19.30 1.50 18.15
N ARG A 56 -19.68 0.32 17.66
CA ARG A 56 -19.94 0.10 16.25
C ARG A 56 -18.80 0.63 15.37
N VAL A 57 -18.81 0.24 14.10
CA VAL A 57 -17.77 0.68 13.17
C VAL A 57 -17.98 2.13 12.76
N SER A 58 -16.92 2.74 12.24
CA SER A 58 -16.98 4.13 11.79
C SER A 58 -16.68 4.23 10.30
N HIS A 59 -17.73 4.12 9.48
CA HIS A 59 -17.57 4.23 8.03
C HIS A 59 -17.23 5.66 7.64
N TYR A 60 -16.19 5.80 6.83
CA TYR A 60 -15.76 7.10 6.38
C TYR A 60 -16.00 7.26 4.88
N ILE A 61 -16.28 8.49 4.46
CA ILE A 61 -16.53 8.75 3.06
C ILE A 61 -15.23 9.13 2.35
N ILE A 62 -15.03 8.58 1.16
CA ILE A 62 -13.83 8.86 0.40
C ILE A 62 -14.16 9.13 -1.06
N ASN A 63 -13.38 9.99 -1.68
CA ASN A 63 -13.56 10.34 -3.09
C ASN A 63 -12.35 9.89 -3.89
N SER A 64 -12.52 9.66 -5.19
CA SER A 64 -11.41 9.21 -6.04
C SER A 64 -11.83 9.06 -7.49
N SER A 65 -10.84 8.90 -8.36
CA SER A 65 -11.09 8.73 -9.78
C SER A 65 -9.87 8.13 -10.48
N GLY A 66 -10.00 7.88 -11.78
CA GLY A 66 -8.91 7.30 -12.55
C GLY A 66 -7.76 8.27 -12.83
N PRO A 67 -8.04 9.51 -13.27
CA PRO A 67 -7.00 10.49 -13.59
C PRO A 67 -5.87 10.53 -12.56
N ARG A 68 -4.78 11.20 -12.93
CA ARG A 68 -3.62 11.33 -12.07
C ARG A 68 -3.90 12.28 -10.90
N PRO A 69 -3.66 11.82 -9.64
CA PRO A 69 -3.91 12.62 -8.44
C PRO A 69 -2.66 13.23 -7.80
N PRO A 70 -1.57 13.51 -8.56
CA PRO A 70 -0.35 14.10 -7.98
C PRO A 70 -0.66 15.29 -7.07
N VAL A 71 -1.18 16.36 -7.67
CA VAL A 71 -1.51 17.56 -6.93
C VAL A 71 -2.97 17.96 -7.18
N PRO A 72 -3.62 18.60 -6.18
CA PRO A 72 -5.02 19.03 -6.30
C PRO A 72 -5.19 20.14 -7.33
N PRO A 73 -5.80 19.83 -8.49
CA PRO A 73 -6.04 20.78 -9.56
C PRO A 73 -7.44 21.39 -9.50
N SER A 74 -7.82 22.06 -10.58
CA SER A 74 -9.13 22.70 -10.65
C SER A 74 -9.86 22.31 -11.95
N PRO A 75 -9.96 21.01 -12.24
CA PRO A 75 -10.62 20.53 -13.45
C PRO A 75 -12.14 20.48 -13.30
N ALA A 76 -12.81 19.82 -14.24
CA ALA A 76 -14.26 19.70 -14.21
C ALA A 76 -14.68 18.27 -13.92
N GLN A 77 -14.53 17.39 -14.90
CA GLN A 77 -14.91 16.01 -14.72
C GLN A 77 -14.13 15.10 -15.68
N PRO A 78 -13.47 14.06 -15.14
CA PRO A 78 -12.69 13.12 -15.97
C PRO A 78 -13.56 12.41 -17.01
N PRO A 79 -12.98 12.09 -18.19
CA PRO A 79 -13.72 11.42 -19.25
C PRO A 79 -14.29 10.07 -18.82
N PRO A 80 -13.47 9.21 -18.17
CA PRO A 80 -13.91 7.88 -17.72
C PRO A 80 -14.56 7.93 -16.34
N GLY A 81 -13.94 8.65 -15.41
CA GLY A 81 -14.46 8.73 -14.06
C GLY A 81 -15.75 9.54 -13.98
N VAL A 82 -16.17 9.86 -12.75
CA VAL A 82 -17.39 10.65 -12.54
C VAL A 82 -17.07 12.08 -12.14
N SER A 83 -15.83 12.30 -11.69
CA SER A 83 -15.43 13.63 -11.27
C SER A 83 -14.03 13.61 -10.67
N PRO A 84 -13.40 14.78 -10.48
CA PRO A 84 -12.06 14.89 -9.91
C PRO A 84 -11.84 13.92 -8.76
N SER A 85 -10.81 13.08 -8.89
CA SER A 85 -10.49 12.09 -7.87
C SER A 85 -10.32 12.73 -6.48
N ARG A 86 -9.09 12.77 -5.97
CA ARG A 86 -8.83 13.34 -4.66
C ARG A 86 -9.58 12.53 -3.60
N LEU A 87 -8.92 12.22 -2.50
CA LEU A 87 -9.55 11.44 -1.45
C LEU A 87 -10.25 12.33 -0.43
N ARG A 88 -11.13 11.72 0.35
CA ARG A 88 -11.90 12.42 1.36
C ARG A 88 -12.03 11.57 2.62
N ILE A 89 -12.44 12.22 3.71
CA ILE A 89 -12.63 11.55 5.01
C ILE A 89 -12.35 12.51 6.16
N GLY A 90 -13.20 12.46 7.18
CA GLY A 90 -13.03 13.32 8.36
C GLY A 90 -12.49 14.69 8.02
N ASP A 91 -13.26 15.45 7.24
CA ASP A 91 -12.86 16.80 6.84
C ASP A 91 -11.41 16.82 6.33
N GLN A 92 -10.98 15.69 5.77
CA GLN A 92 -9.63 15.57 5.24
C GLN A 92 -9.67 15.27 3.74
N GLU A 93 -8.52 15.34 3.08
CA GLU A 93 -8.43 15.06 1.65
C GLU A 93 -7.00 14.69 1.26
N PHE A 94 -6.78 13.45 0.82
CA PHE A 94 -5.45 13.01 0.41
C PHE A 94 -5.30 13.06 -1.11
N ASP A 95 -5.17 11.90 -1.74
CA ASP A 95 -5.02 11.81 -3.18
C ASP A 95 -5.17 10.36 -3.63
N SER A 96 -4.66 9.45 -2.81
CA SER A 96 -4.72 8.02 -3.13
C SER A 96 -5.18 7.20 -1.93
N LEU A 97 -5.80 6.06 -2.22
CA LEU A 97 -6.28 5.16 -1.19
C LEU A 97 -5.12 4.67 -0.33
N PRO A 98 -4.13 3.99 -0.94
CA PRO A 98 -2.97 3.50 -0.19
C PRO A 98 -2.29 4.64 0.55
N ALA A 99 -2.39 5.83 0.00
CA ALA A 99 -1.80 7.00 0.61
C ALA A 99 -2.57 7.39 1.87
N LEU A 100 -3.88 7.10 1.86
CA LEU A 100 -4.73 7.41 3.00
C LEU A 100 -4.49 6.41 4.12
N LEU A 101 -4.72 5.13 3.84
CA LEU A 101 -4.51 4.07 4.83
C LEU A 101 -3.12 4.16 5.44
N GLU A 102 -2.21 4.81 4.74
CA GLU A 102 -0.83 4.96 5.20
C GLU A 102 -0.72 6.08 6.23
N PHE A 103 -1.65 6.12 7.18
CA PHE A 103 -1.63 7.15 8.21
C PHE A 103 -0.99 6.68 9.52
N TYR A 104 -1.07 5.38 9.80
CA TYR A 104 -0.52 4.84 11.05
C TYR A 104 0.99 4.73 11.01
N LYS A 105 1.58 4.89 9.84
CA LYS A 105 3.03 4.80 9.70
C LYS A 105 3.71 5.98 10.37
N ILE A 106 2.95 7.04 10.62
CA ILE A 106 3.49 8.23 11.25
C ILE A 106 3.01 8.38 12.69
N HIS A 107 1.70 8.48 12.89
CA HIS A 107 1.17 8.62 14.25
C HIS A 107 -0.34 8.40 14.33
N TYR A 108 -0.72 7.24 14.85
CA TYR A 108 -2.13 6.87 15.03
C TYR A 108 -3.01 7.23 13.84
N LEU A 109 -4.31 7.11 14.04
CA LEU A 109 -5.31 7.41 13.02
C LEU A 109 -6.56 8.02 13.64
N ASP A 110 -7.56 8.29 12.80
CA ASP A 110 -8.83 8.88 13.25
C ASP A 110 -9.26 8.34 14.61
N THR A 111 -9.42 7.02 14.70
CA THR A 111 -9.84 6.40 15.96
C THR A 111 -9.01 5.15 16.27
N THR A 112 -8.33 5.18 17.42
CA THR A 112 -7.47 4.09 17.90
C THR A 112 -6.02 4.39 17.60
N THR A 113 -5.14 3.42 17.85
CA THR A 113 -3.71 3.60 17.61
C THR A 113 -3.18 2.56 16.63
N LEU A 114 -2.82 3.01 15.43
CA LEU A 114 -2.28 2.12 14.41
C LEU A 114 -3.29 1.03 14.04
N ILE A 115 -4.08 1.30 13.00
CA ILE A 115 -5.08 0.35 12.53
C ILE A 115 -4.56 -0.46 11.35
N GLU A 116 -5.34 -1.44 10.92
CA GLU A 116 -4.95 -2.28 9.80
C GLU A 116 -6.18 -3.00 9.23
N PRO A 117 -6.13 -3.42 7.95
CA PRO A 117 -7.24 -4.13 7.31
C PRO A 117 -7.77 -5.23 8.22
N VAL A 118 -9.09 -5.39 8.25
CA VAL A 118 -9.71 -6.42 9.09
C VAL A 118 -9.41 -7.80 8.51
N SER A 119 -9.75 -8.85 9.26
CA SER A 119 -9.54 -10.22 8.80
C SER A 119 -10.37 -10.44 7.54
N ARG A 120 -10.89 -11.64 7.31
CA ARG A 120 -11.72 -11.88 6.14
C ARG A 120 -13.18 -11.80 6.55
N SER A 121 -13.61 -12.76 7.36
CA SER A 121 -14.98 -12.77 7.86
C SER A 121 -16.03 -12.53 6.77
N ARG A 122 -17.18 -12.00 7.17
CA ARG A 122 -18.29 -11.72 6.27
C ARG A 122 -18.56 -12.88 5.30
N GLN A 123 -18.11 -14.09 5.68
CA GLN A 123 -18.31 -15.27 4.84
C GLN A 123 -17.55 -15.13 3.53
N GLY A 124 -16.30 -15.59 3.52
CA GLY A 124 -15.48 -15.50 2.33
C GLY A 124 -15.49 -16.77 1.51
N SER A 125 -15.20 -16.65 0.22
CA SER A 125 -15.18 -17.80 -0.68
C SER A 125 -13.75 -18.21 -1.04
N GLY A 126 -12.78 -17.39 -0.66
CA GLY A 126 -11.39 -17.69 -0.97
C GLY A 126 -10.53 -17.87 0.28
N VAL A 127 -9.70 -18.91 0.26
CA VAL A 127 -8.82 -19.19 1.39
C VAL A 127 -7.36 -19.20 0.96
N ILE A 128 -6.50 -18.62 1.79
CA ILE A 128 -5.07 -18.55 1.50
C ILE A 128 -4.38 -19.89 1.75
N LEU A 129 -3.42 -20.22 0.88
CA LEU A 129 -2.69 -21.47 1.00
C LEU A 129 -1.43 -21.45 0.13
N ARG A 130 -0.56 -20.48 0.38
CA ARG A 130 0.67 -20.33 -0.38
C ARG A 130 1.88 -20.69 0.48
N GLN A 131 2.94 -21.15 -0.15
CA GLN A 131 4.15 -21.53 0.57
C GLN A 131 5.32 -20.61 0.24
N GLU A 132 5.05 -19.30 0.19
CA GLU A 132 6.08 -18.32 -0.09
C GLU A 132 6.87 -18.01 1.17
N GLU A 133 8.12 -17.59 1.01
CA GLU A 133 8.95 -17.30 2.16
C GLU A 133 9.96 -16.18 1.88
N ALA A 134 10.80 -15.92 2.88
CA ALA A 134 11.83 -14.90 2.82
C ALA A 134 12.66 -14.94 4.10
N GLU A 135 13.22 -13.82 4.53
CA GLU A 135 14.00 -13.80 5.77
C GLU A 135 13.06 -13.58 6.94
N TYR A 136 13.47 -13.98 8.14
CA TYR A 136 12.59 -13.86 9.30
C TYR A 136 12.76 -12.54 10.03
N VAL A 137 11.75 -12.19 10.81
CA VAL A 137 11.71 -10.94 11.56
C VAL A 137 11.49 -11.22 13.06
N ARG A 138 11.77 -10.22 13.90
CA ARG A 138 11.60 -10.35 15.34
C ARG A 138 10.64 -9.28 15.85
N ALA A 139 9.84 -9.64 16.85
CA ALA A 139 8.89 -8.69 17.43
C ALA A 139 9.58 -7.72 18.36
N LEU A 140 9.19 -6.45 18.28
CA LEU A 140 9.79 -5.41 19.12
C LEU A 140 8.83 -4.94 20.21
N PHE A 141 7.68 -5.59 20.31
CA PHE A 141 6.67 -5.21 21.30
C PHE A 141 5.88 -6.42 21.78
N ASP A 142 5.11 -6.22 22.84
CA ASP A 142 4.29 -7.27 23.43
C ASP A 142 3.16 -7.67 22.47
N PHE A 143 2.60 -8.86 22.70
CA PHE A 143 1.53 -9.39 21.85
C PHE A 143 0.15 -9.05 22.41
N ASN A 144 -0.80 -8.78 21.51
CA ASN A 144 -2.16 -8.46 21.90
C ASN A 144 -2.98 -7.92 20.73
N GLY A 145 -4.21 -8.42 20.62
CA GLY A 145 -5.10 -7.98 19.55
C GLY A 145 -6.53 -8.46 19.77
N ASN A 146 -7.17 -8.92 18.71
CA ASN A 146 -8.54 -9.42 18.80
C ASN A 146 -8.87 -10.39 17.68
N ASP A 147 -8.43 -10.06 16.48
CA ASP A 147 -8.67 -10.91 15.31
C ASP A 147 -7.81 -12.17 15.37
N GLU A 148 -8.45 -13.31 15.13
CA GLU A 148 -7.74 -14.59 15.15
C GLU A 148 -6.92 -14.78 13.87
N GLU A 149 -7.37 -14.16 12.79
CA GLU A 149 -6.69 -14.25 11.50
C GLU A 149 -5.25 -13.74 11.61
N ASP A 150 -5.09 -12.61 12.30
CA ASP A 150 -3.76 -12.02 12.49
C ASP A 150 -2.98 -12.79 13.54
N LEU A 151 -1.73 -12.39 13.79
CA LEU A 151 -0.92 -13.07 14.79
C LEU A 151 -0.26 -12.08 15.75
N PRO A 152 -0.69 -12.06 17.03
CA PRO A 152 -0.11 -11.18 18.03
C PRO A 152 1.39 -11.39 18.11
N PHE A 153 2.15 -10.34 18.38
CA PHE A 153 3.61 -10.45 18.44
C PHE A 153 4.12 -10.27 19.86
N LYS A 154 5.00 -11.18 20.28
CA LYS A 154 5.57 -11.09 21.62
C LYS A 154 7.01 -10.60 21.57
N LYS A 155 7.30 -9.52 22.29
CA LYS A 155 8.63 -8.93 22.31
C LYS A 155 9.74 -9.98 22.29
N GLY A 156 10.76 -9.74 21.48
CA GLY A 156 11.90 -10.64 21.39
C GLY A 156 11.59 -11.94 20.66
N ASP A 157 10.35 -12.14 20.25
CA ASP A 157 9.98 -13.37 19.56
C ASP A 157 10.25 -13.29 18.07
N ILE A 158 10.90 -14.32 17.53
CA ILE A 158 11.24 -14.36 16.12
C ILE A 158 10.13 -15.00 15.28
N LEU A 159 9.73 -14.28 14.24
CA LEU A 159 8.68 -14.75 13.33
C LEU A 159 9.22 -14.88 11.91
N ARG A 160 8.83 -15.95 11.23
CA ARG A 160 9.27 -16.19 9.86
C ARG A 160 8.21 -15.73 8.86
N ILE A 161 8.64 -15.02 7.82
CA ILE A 161 7.72 -14.53 6.79
C ILE A 161 7.20 -15.67 5.93
N ARG A 162 5.94 -15.57 5.51
CA ARG A 162 5.34 -16.58 4.68
C ARG A 162 4.54 -15.99 3.51
N ASP A 163 4.26 -14.69 3.57
CA ASP A 163 3.51 -14.01 2.52
C ASP A 163 3.18 -12.57 2.92
N LYS A 164 2.92 -11.74 1.93
CA LYS A 164 2.57 -10.34 2.19
C LYS A 164 1.13 -10.06 1.79
N PRO A 165 0.20 -10.15 2.75
CA PRO A 165 -1.23 -9.91 2.51
C PRO A 165 -1.60 -8.43 2.59
N GLU A 166 -0.72 -7.61 3.16
CA GLU A 166 -0.99 -6.18 3.30
C GLU A 166 0.26 -5.35 3.02
N GLU A 167 0.10 -4.03 3.10
CA GLU A 167 1.21 -3.11 2.87
C GLU A 167 1.91 -2.76 4.18
N GLN A 168 1.27 -3.07 5.30
CA GLN A 168 1.82 -2.79 6.61
C GLN A 168 1.81 -4.03 7.50
N TRP A 169 1.45 -5.18 6.93
CA TRP A 169 1.39 -6.42 7.70
C TRP A 169 1.74 -7.64 6.86
N TRP A 170 2.74 -8.38 7.33
CA TRP A 170 3.18 -9.60 6.64
C TRP A 170 2.75 -10.83 7.43
N ASN A 171 2.64 -11.96 6.77
CA ASN A 171 2.21 -13.19 7.43
C ASN A 171 3.40 -13.96 8.00
N ALA A 172 3.31 -14.29 9.29
CA ALA A 172 4.38 -15.02 9.96
C ALA A 172 3.82 -15.93 11.06
N GLU A 173 4.60 -16.95 11.43
CA GLU A 173 4.19 -17.89 12.47
C GLU A 173 4.83 -17.53 13.81
N ASP A 174 4.15 -17.88 14.89
CA ASP A 174 4.65 -17.59 16.23
C ASP A 174 5.38 -18.81 16.80
N SER A 175 6.05 -18.61 17.93
CA SER A 175 6.80 -19.69 18.57
C SER A 175 5.87 -20.74 19.19
N GLU A 176 4.57 -20.59 18.99
CA GLU A 176 3.60 -21.53 19.53
C GLU A 176 2.99 -22.38 18.42
N GLY A 177 3.23 -21.99 17.17
CA GLY A 177 2.69 -22.74 16.04
C GLY A 177 1.61 -21.97 15.30
N LYS A 178 0.96 -21.05 15.99
CA LYS A 178 -0.12 -20.26 15.39
C LYS A 178 0.38 -19.42 14.23
N ARG A 179 -0.47 -19.26 13.22
CA ARG A 179 -0.14 -18.47 12.03
C ARG A 179 -1.00 -17.22 11.96
N GLY A 180 -0.48 -16.21 11.26
CA GLY A 180 -1.19 -14.97 11.11
C GLY A 180 -0.33 -13.88 10.49
N MET A 181 -0.68 -12.62 10.75
CA MET A 181 0.08 -11.50 10.20
C MET A 181 0.63 -10.59 11.30
N ILE A 182 1.83 -10.08 11.06
CA ILE A 182 2.49 -9.18 11.98
C ILE A 182 2.65 -7.80 11.35
N PRO A 183 2.79 -6.74 12.18
CA PRO A 183 2.93 -5.36 11.68
C PRO A 183 4.30 -5.06 11.10
N VAL A 184 4.33 -4.13 10.15
CA VAL A 184 5.58 -3.73 9.49
C VAL A 184 6.33 -2.69 10.32
N PRO A 185 5.66 -1.64 10.79
CA PRO A 185 6.29 -0.58 11.57
C PRO A 185 6.31 -0.86 13.07
N TYR A 186 6.36 -2.14 13.43
CA TYR A 186 6.38 -2.52 14.85
C TYR A 186 7.46 -3.57 15.14
N VAL A 187 8.01 -4.18 14.09
CA VAL A 187 9.04 -5.19 14.27
C VAL A 187 10.36 -4.75 13.63
N GLU A 188 11.43 -5.51 13.89
CA GLU A 188 12.74 -5.19 13.34
C GLU A 188 13.11 -6.16 12.22
N LYS A 189 13.46 -5.61 11.07
CA LYS A 189 13.83 -6.42 9.91
C LYS A 189 15.16 -7.14 10.16
N TYR A 190 15.12 -8.47 10.14
CA TYR A 190 16.31 -9.27 10.36
C TYR A 190 16.66 -10.08 9.12
N ARG A 191 17.95 -10.05 8.74
CA ARG A 191 18.41 -10.79 7.58
C ARG A 191 19.44 -11.84 7.95
N PRO A 192 19.05 -13.12 7.95
CA PRO A 192 19.95 -14.22 8.30
C PRO A 192 20.96 -14.53 7.19
N ALA A 193 20.51 -15.24 6.16
CA ALA A 193 21.38 -15.59 5.05
C ALA A 193 20.60 -16.30 3.94
N SER A 194 19.79 -17.28 4.34
CA SER A 194 18.99 -18.04 3.37
C SER A 194 17.67 -17.32 3.09
N ALA A 195 17.74 -16.30 2.23
CA ALA A 195 16.55 -15.54 1.87
C ALA A 195 16.55 -15.18 0.39
N SER A 196 17.72 -14.83 -0.14
CA SER A 196 17.85 -14.46 -1.54
C SER A 196 18.64 -15.51 -2.30
N VAL A 197 17.95 -16.55 -2.76
CA VAL A 197 18.58 -17.62 -3.50
C VAL A 197 17.66 -18.15 -4.59
N SER A 198 16.39 -18.36 -4.26
CA SER A 198 15.41 -18.86 -5.21
C SER A 198 15.87 -20.18 -5.83
N ALA A 199 15.20 -20.59 -6.90
CA ALA A 199 15.55 -21.83 -7.59
C ALA A 199 16.60 -21.59 -8.66
N LEU A 200 16.17 -21.05 -9.80
CA LEU A 200 17.08 -20.77 -10.91
C LEU A 200 16.34 -20.10 -12.06
N ILE A 201 15.34 -20.78 -12.58
CA ILE A 201 14.54 -20.27 -13.69
C ILE A 201 15.36 -20.21 -14.98
N GLY A 202 16.35 -19.33 -15.01
CA GLY A 202 17.18 -19.20 -16.18
C GLY A 202 16.51 -18.42 -17.30
N GLY A 203 17.12 -18.42 -18.47
CA GLY A 203 16.56 -17.71 -19.61
C GLY A 203 16.39 -18.59 -20.83
N ASN A 204 16.06 -17.99 -21.96
CA ASN A 204 15.87 -18.72 -23.20
C ASN A 204 16.29 -17.89 -24.40
N GLN A 205 15.67 -16.73 -24.57
CA GLN A 205 16.00 -15.84 -25.68
C GLN A 205 16.03 -14.38 -25.22
N GLU A 206 17.22 -13.92 -24.83
CA GLU A 206 17.39 -12.54 -24.37
C GLU A 206 18.50 -11.85 -25.15
N GLY A 207 18.77 -10.60 -24.80
CA GLY A 207 19.81 -9.84 -25.47
C GLY A 207 20.05 -8.48 -24.83
N SER A 208 18.97 -7.77 -24.53
CA SER A 208 19.07 -6.45 -23.91
C SER A 208 18.39 -6.45 -22.55
N HIS A 209 18.66 -5.41 -21.76
CA HIS A 209 18.08 -5.27 -20.43
C HIS A 209 16.60 -4.90 -20.53
N PRO A 210 15.70 -5.82 -20.11
CA PRO A 210 14.25 -5.57 -20.15
C PRO A 210 13.82 -4.51 -19.14
N GLN A 211 12.55 -4.10 -19.24
CA GLN A 211 12.02 -3.09 -18.33
C GLN A 211 11.41 -3.73 -17.09
N PRO A 212 11.33 -2.97 -15.98
CA PRO A 212 10.77 -3.48 -14.73
C PRO A 212 9.26 -3.69 -14.81
N LEU A 213 8.84 -4.61 -15.67
CA LEU A 213 7.43 -4.90 -15.84
C LEU A 213 7.01 -6.11 -15.00
N GLY A 214 5.70 -6.26 -14.79
CA GLY A 214 5.20 -7.37 -14.01
C GLY A 214 5.29 -7.11 -12.52
N GLY A 215 6.50 -6.87 -12.03
CA GLY A 215 6.70 -6.60 -10.62
C GLY A 215 7.55 -7.67 -9.94
N PRO A 216 8.54 -7.27 -9.14
CA PRO A 216 9.42 -8.23 -8.44
C PRO A 216 8.68 -8.96 -7.33
N GLU A 217 9.23 -10.11 -6.94
CA GLU A 217 8.63 -10.93 -5.89
C GLU A 217 8.84 -10.29 -4.52
N PRO A 218 7.88 -10.47 -3.60
CA PRO A 218 7.96 -9.90 -2.24
C PRO A 218 9.19 -10.42 -1.49
N GLY A 219 9.88 -9.52 -0.82
CA GLY A 219 11.06 -9.89 -0.06
C GLY A 219 12.00 -8.73 0.16
N PRO A 220 13.30 -9.02 0.33
CA PRO A 220 14.33 -7.99 0.55
C PRO A 220 14.48 -7.07 -0.65
N TYR A 221 14.21 -7.60 -1.83
CA TYR A 221 14.31 -6.82 -3.07
C TYR A 221 13.21 -5.77 -3.14
N ALA A 222 12.08 -6.06 -2.53
CA ALA A 222 10.94 -5.15 -2.53
C ALA A 222 9.96 -5.50 -1.41
N GLN A 223 9.98 -4.71 -0.35
CA GLN A 223 9.08 -4.95 0.78
C GLN A 223 8.10 -3.79 0.95
N PRO A 224 6.90 -4.08 1.47
CA PRO A 224 5.84 -3.09 1.67
C PRO A 224 6.30 -1.86 2.45
N SER A 225 5.32 -1.05 2.87
CA SER A 225 5.60 0.17 3.62
C SER A 225 6.44 -0.09 4.87
N VAL A 226 7.76 -0.12 4.69
CA VAL A 226 8.68 -0.34 5.80
C VAL A 226 9.40 0.95 6.15
N ASN A 227 9.70 1.73 5.11
CA ASN A 227 10.37 3.01 5.29
C ASN A 227 9.63 4.13 4.56
N THR A 228 8.45 3.81 4.02
CA THR A 228 7.65 4.80 3.30
C THR A 228 6.43 5.20 4.12
N PRO A 229 6.44 6.40 4.72
CA PRO A 229 5.34 6.90 5.54
C PRO A 229 4.10 7.20 4.70
N LEU A 230 4.33 7.71 3.50
CA LEU A 230 3.24 8.06 2.59
C LEU A 230 3.33 7.27 1.27
N PRO A 231 4.36 7.54 0.43
CA PRO A 231 4.51 6.84 -0.85
C PRO A 231 4.29 5.33 -0.73
N ASN A 232 3.60 4.78 -1.71
CA ASN A 232 3.29 3.36 -1.74
C ASN A 232 4.40 2.56 -2.41
N LEU A 233 4.29 1.24 -2.35
CA LEU A 233 5.28 0.35 -2.96
C LEU A 233 4.84 -1.10 -2.86
N GLN A 234 3.56 -1.34 -3.11
CA GLN A 234 3.01 -2.70 -3.05
C GLN A 234 3.85 -3.68 -3.87
N ASN A 235 4.17 -3.27 -5.09
CA ASN A 235 4.97 -4.10 -5.97
C ASN A 235 6.13 -3.29 -6.57
N GLY A 236 6.00 -1.97 -6.54
CA GLY A 236 7.04 -1.12 -7.09
C GLY A 236 6.50 0.00 -7.95
N PRO A 237 6.54 1.26 -7.45
CA PRO A 237 6.05 2.42 -8.21
C PRO A 237 6.66 2.52 -9.60
N ILE A 238 6.57 3.69 -10.21
CA ILE A 238 7.12 3.91 -11.54
C ILE A 238 8.60 4.25 -11.46
N TYR A 239 9.45 3.33 -11.89
CA TYR A 239 10.88 3.55 -11.86
C TYR A 239 11.51 3.30 -13.22
N ALA A 240 11.83 4.38 -13.92
CA ALA A 240 12.45 4.29 -15.23
C ALA A 240 13.08 5.62 -15.63
N ARG A 241 12.36 6.43 -16.39
CA ARG A 241 12.87 7.72 -16.83
C ARG A 241 11.80 8.81 -16.71
N VAL A 242 12.17 9.98 -16.18
CA VAL A 242 11.24 11.09 -16.06
C VAL A 242 10.51 11.31 -17.39
N ILE A 243 9.22 11.61 -17.34
CA ILE A 243 8.45 11.81 -18.56
C ILE A 243 8.55 13.24 -19.08
N GLN A 244 8.72 14.22 -18.18
CA GLN A 244 8.83 15.62 -18.58
C GLN A 244 9.97 16.33 -17.86
N LYS A 245 10.56 17.34 -18.51
CA LYS A 245 11.70 18.06 -17.92
C LYS A 245 11.27 19.31 -17.15
N ARG A 246 11.58 19.30 -15.85
CA ARG A 246 11.26 20.43 -14.99
C ARG A 246 12.46 20.83 -14.12
N VAL A 247 13.08 21.95 -14.44
CA VAL A 247 14.23 22.43 -13.70
C VAL A 247 13.80 23.30 -12.51
N PRO A 248 14.69 23.52 -11.54
CA PRO A 248 14.41 24.33 -10.36
C PRO A 248 14.65 25.81 -10.61
N ASN A 249 13.99 26.66 -9.81
CA ASN A 249 14.14 28.10 -9.95
C ASN A 249 15.54 28.56 -9.58
N ALA A 250 15.97 29.68 -10.18
CA ALA A 250 17.29 30.22 -9.91
C ALA A 250 17.40 30.70 -8.47
N TYR A 251 16.29 31.19 -7.92
CA TYR A 251 16.28 31.69 -6.55
C TYR A 251 16.19 30.55 -5.54
N ASP A 252 16.06 29.32 -6.03
CA ASP A 252 15.96 28.16 -5.15
C ASP A 252 17.33 27.78 -4.60
N LYS A 253 17.36 26.86 -3.64
CA LYS A 253 18.61 26.42 -3.03
C LYS A 253 18.65 24.90 -2.88
N THR A 254 17.80 24.38 -2.00
CA THR A 254 17.75 22.94 -1.77
C THR A 254 16.71 22.28 -2.68
N ALA A 255 16.47 22.89 -3.83
CA ALA A 255 15.51 22.38 -4.80
C ALA A 255 16.13 21.29 -5.66
N LEU A 256 15.28 20.45 -6.24
CA LEU A 256 15.73 19.36 -7.10
C LEU A 256 15.56 19.73 -8.56
N ALA A 257 16.53 19.33 -9.38
CA ALA A 257 16.46 19.60 -10.80
C ALA A 257 15.96 18.37 -11.53
N LEU A 258 14.71 18.42 -11.98
CA LEU A 258 14.09 17.30 -12.66
C LEU A 258 14.09 17.48 -14.17
N GLU A 259 14.57 16.46 -14.89
CA GLU A 259 14.62 16.53 -16.36
C GLU A 259 14.25 15.19 -16.98
N VAL A 260 13.32 15.20 -17.93
CA VAL A 260 12.88 13.98 -18.59
C VAL A 260 14.08 13.16 -19.08
N GLY A 261 14.24 12.00 -18.49
CA GLY A 261 15.35 11.13 -18.82
C GLY A 261 15.82 10.34 -17.63
N GLU A 262 16.24 11.06 -16.59
CA GLU A 262 16.74 10.45 -15.36
C GLU A 262 15.64 9.69 -14.61
N LEU A 263 16.03 9.05 -13.53
CA LEU A 263 15.09 8.30 -12.70
C LEU A 263 15.02 8.89 -11.31
N VAL A 264 13.81 9.21 -10.86
CA VAL A 264 13.63 9.78 -9.53
C VAL A 264 12.61 9.00 -8.72
N LYS A 265 12.90 8.82 -7.44
CA LYS A 265 12.00 8.12 -6.54
C LYS A 265 11.26 9.13 -5.70
N VAL A 266 10.05 8.80 -5.26
CA VAL A 266 9.25 9.71 -4.47
C VAL A 266 9.59 9.64 -2.97
N THR A 267 10.62 10.39 -2.58
CA THR A 267 11.03 10.42 -1.17
C THR A 267 10.42 11.62 -0.44
N LYS A 268 9.45 11.32 0.42
CA LYS A 268 8.73 12.31 1.22
C LYS A 268 7.59 12.93 0.42
N ILE A 269 6.38 12.46 0.68
CA ILE A 269 5.19 12.96 -0.01
C ILE A 269 4.36 13.85 0.91
N ASN A 270 4.26 15.12 0.55
CA ASN A 270 3.48 16.07 1.33
C ASN A 270 1.99 15.96 1.00
N VAL A 271 1.17 16.64 1.76
CA VAL A 271 -0.26 16.60 1.55
C VAL A 271 -0.70 17.41 0.33
N SER A 272 -0.22 18.65 0.20
CA SER A 272 -0.64 19.51 -0.90
C SER A 272 0.05 19.24 -2.24
N GLY A 273 0.43 18.00 -2.52
CA GLY A 273 1.01 17.70 -3.83
C GLY A 273 2.53 17.82 -3.92
N GLN A 274 3.14 18.75 -3.20
CA GLN A 274 4.59 18.93 -3.29
C GLN A 274 5.33 17.86 -2.52
N TRP A 275 5.89 16.90 -3.27
CA TRP A 275 6.64 15.79 -2.70
C TRP A 275 8.12 15.93 -3.08
N GLU A 276 8.99 15.13 -2.46
CA GLU A 276 10.43 15.19 -2.76
C GLU A 276 10.91 13.87 -3.33
N GLY A 277 11.90 13.92 -4.21
CA GLY A 277 12.41 12.72 -4.83
C GLY A 277 13.93 12.65 -4.83
N GLU A 278 14.44 11.52 -5.30
CA GLU A 278 15.89 11.32 -5.38
C GLU A 278 16.34 11.25 -6.84
N CYS A 279 17.06 12.27 -7.28
CA CYS A 279 17.57 12.33 -8.64
C CYS A 279 19.06 12.58 -8.65
N ASN A 280 19.82 11.64 -9.20
CA ASN A 280 21.27 11.76 -9.25
C ASN A 280 21.82 11.86 -7.84
N GLY A 281 21.17 11.14 -6.92
CA GLY A 281 21.58 11.14 -5.53
C GLY A 281 21.16 12.41 -4.80
N LYS A 282 20.48 13.30 -5.51
CA LYS A 282 20.02 14.55 -4.92
C LYS A 282 18.58 14.43 -4.45
N ARG A 283 18.29 15.03 -3.30
CA ARG A 283 16.94 14.99 -2.76
C ARG A 283 16.38 16.40 -2.62
N GLY A 284 15.33 16.67 -3.36
CA GLY A 284 14.70 17.97 -3.34
C GLY A 284 13.25 17.93 -3.78
N HIS A 285 12.56 19.04 -3.60
CA HIS A 285 11.16 19.13 -3.96
C HIS A 285 10.94 19.82 -5.30
N PHE A 286 10.38 19.07 -6.24
CA PHE A 286 10.08 19.60 -7.58
C PHE A 286 8.57 19.62 -7.78
N PRO A 287 8.05 20.48 -8.66
CA PRO A 287 6.62 20.57 -8.93
C PRO A 287 5.98 19.19 -9.03
N PHE A 288 6.77 18.24 -9.51
CA PHE A 288 6.32 16.85 -9.65
C PHE A 288 5.25 16.70 -10.73
N THR A 289 4.95 17.80 -11.43
CA THR A 289 3.95 17.75 -12.49
C THR A 289 4.60 17.26 -13.79
N HIS A 290 5.92 17.14 -13.78
CA HIS A 290 6.66 16.69 -14.95
C HIS A 290 7.14 15.25 -14.79
N VAL A 291 6.66 14.59 -13.73
CA VAL A 291 7.02 13.20 -13.46
C VAL A 291 5.78 12.36 -13.22
N ARG A 292 5.90 11.06 -13.43
CA ARG A 292 4.77 10.14 -13.22
C ARG A 292 4.67 9.77 -11.74
N LEU A 293 3.69 10.36 -11.06
CA LEU A 293 3.47 10.11 -9.63
C LEU A 293 3.25 8.63 -9.32
N LEU A 294 3.16 8.33 -8.03
CA LEU A 294 2.92 6.96 -7.58
C LEU A 294 1.87 6.95 -6.48
N ASP A 295 1.20 5.82 -6.30
CA ASP A 295 0.17 5.67 -5.27
C ASP A 295 -0.68 4.43 -5.52
N GLN A 296 -1.67 4.57 -6.41
CA GLN A 296 -2.56 3.46 -6.73
C GLN A 296 -2.92 3.46 -8.22
N GLN A 297 -1.91 3.51 -9.06
CA GLN A 297 -2.12 3.52 -10.51
C GLN A 297 -1.53 2.27 -11.16
N ASN A 298 -2.42 1.44 -11.71
CA ASN A 298 -2.00 0.21 -12.37
C ASN A 298 -2.60 0.12 -13.77
N PRO A 299 -1.75 -0.08 -14.79
CA PRO A 299 -2.19 -0.18 -16.18
C PRO A 299 -3.43 -1.05 -16.35
N GLU A 300 -3.38 -2.26 -15.82
CA GLU A 300 -4.49 -3.20 -15.91
C GLU A 300 -5.37 -3.15 -14.68
N GLU A 301 -5.33 -2.03 -13.97
CA GLU A 301 -6.12 -1.84 -12.76
C GLU A 301 -7.56 -2.27 -12.98
N ASP A 302 -8.17 -1.77 -14.04
CA ASP A 302 -9.56 -2.11 -14.35
C ASP A 302 -10.51 -1.53 -13.32
N PHE A 303 -10.08 -0.48 -12.62
CA PHE A 303 -10.89 0.17 -11.60
C PHE A 303 -12.27 0.55 -12.16
N SER A 304 -12.28 1.01 -13.40
CA SER A 304 -13.54 1.41 -14.05
C SER A 304 -13.63 0.84 -15.46
#